data_4UEB
#
_entry.id   4UEB
#
_cell.length_a   38.670
_cell.length_b   94.530
_cell.length_c   167.370
_cell.angle_alpha   90.00
_cell.angle_beta   90.00
_cell.angle_gamma   90.00
#
_symmetry.space_group_name_H-M   'P 21 21 21'
#
loop_
_entity.id
_entity.type
_entity.pdbx_description
1 polymer 'EUKARYOTIC TRANSLATION INITIATION FACTOR 4E'
2 polymer 'DESIGNED 4E-BP'
3 water water
#
loop_
_entity_poly.entity_id
_entity_poly.type
_entity_poly.pdbx_seq_one_letter_code
_entity_poly.pdbx_strand_id
1 'polypeptide(L)'
;GPHMKHPLMNVWTLWYLENDRSKSWEDMQNEITSFDTVEDFWSLYNHIKPPSEIKLGSDYSLFKKNIRPMWEDAANKQGG
RWVITLNKSSKTDLDNLWLDVLLCLIGEAFDHSDQICGAVINIRGKSNKISIWTADGNNEEAALEIGHKLRDALRLGRNN
SLQYQLHKDTMVKQGSNVKSIYTL
;
A,C,E
2 'polypeptide(L)' GPHMLERYSKVDLLALRYSPLSQTPPGIELEGRLRRMNIWRTGS B,D,F
#
# COMPACT_ATOMS: atom_id res chain seq x y z
N HIS A 3 -20.51 2.88 -16.99
CA HIS A 3 -19.17 3.29 -17.38
C HIS A 3 -18.27 3.51 -16.16
N MET A 4 -18.88 3.79 -15.01
CA MET A 4 -18.15 4.03 -13.76
C MET A 4 -18.67 3.17 -12.62
N LYS A 5 -17.76 2.74 -11.74
CA LYS A 5 -18.16 1.95 -10.58
C LYS A 5 -18.77 2.84 -9.51
N HIS A 6 -19.72 2.28 -8.77
CA HIS A 6 -20.41 3.00 -7.70
C HIS A 6 -19.92 2.51 -6.34
N PRO A 7 -19.28 3.39 -5.56
CA PRO A 7 -18.64 2.93 -4.33
C PRO A 7 -19.60 2.46 -3.24
N LEU A 8 -19.18 1.47 -2.46
CA LEU A 8 -19.94 1.03 -1.29
C LEU A 8 -19.47 1.79 -0.05
N MET A 9 -20.33 1.87 0.95
CA MET A 9 -19.99 2.56 2.19
C MET A 9 -18.90 1.78 2.90
N ASN A 10 -18.99 0.45 2.85
CA ASN A 10 -18.05 -0.44 3.53
C ASN A 10 -17.36 -1.41 2.59
N VAL A 11 -16.18 -1.88 3.00
CA VAL A 11 -15.53 -3.02 2.36
C VAL A 11 -16.15 -4.30 2.92
N TRP A 12 -16.52 -5.21 2.03
CA TRP A 12 -17.18 -6.46 2.43
C TRP A 12 -16.35 -7.66 1.99
N THR A 13 -16.33 -8.69 2.84
CA THR A 13 -15.54 -9.89 2.59
C THR A 13 -16.43 -11.14 2.57
N LEU A 14 -16.21 -11.98 1.56
CA LEU A 14 -16.94 -13.24 1.43
C LEU A 14 -16.15 -14.37 2.09
N TRP A 15 -16.83 -15.11 2.95
CA TRP A 15 -16.25 -16.27 3.59
C TRP A 15 -17.04 -17.51 3.21
N TYR A 16 -16.31 -18.61 3.05
CA TYR A 16 -16.93 -19.91 2.76
C TYR A 16 -16.45 -20.93 3.77
N LEU A 17 -17.41 -21.59 4.42
CA LEU A 17 -17.15 -22.67 5.35
C LEU A 17 -17.52 -23.99 4.72
N GLU A 18 -16.58 -24.93 4.72
CA GLU A 18 -16.85 -26.30 4.32
C GLU A 18 -16.60 -27.18 5.52
N ASN A 19 -17.57 -28.03 5.85
CA ASN A 19 -17.52 -28.82 7.07
C ASN A 19 -16.45 -29.90 7.01
N ASP A 20 -15.46 -29.78 7.88
CA ASP A 20 -14.41 -30.78 8.00
C ASP A 20 -14.21 -31.11 9.48
N ARG A 21 -14.63 -32.30 9.88
CA ARG A 21 -14.59 -32.71 11.29
C ARG A 21 -13.16 -32.74 11.82
N SER A 22 -12.18 -32.86 10.93
CA SER A 22 -10.78 -32.84 11.33
C SER A 22 -10.38 -31.45 11.80
N LYS A 23 -10.90 -30.43 11.13
CA LYS A 23 -10.55 -29.05 11.42
C LYS A 23 -11.43 -28.47 12.52
N SER A 24 -10.89 -27.47 13.24
CA SER A 24 -11.69 -26.71 14.20
C SER A 24 -12.68 -25.83 13.46
N TRP A 25 -13.70 -25.34 14.18
CA TRP A 25 -14.77 -24.57 13.56
C TRP A 25 -14.21 -23.35 12.82
N GLU A 26 -13.14 -22.78 13.36
CA GLU A 26 -12.52 -21.61 12.76
C GLU A 26 -11.74 -21.97 11.50
N ASP A 27 -11.11 -23.15 11.52
CA ASP A 27 -10.25 -23.60 10.43
C ASP A 27 -11.04 -24.02 9.21
N MET A 28 -12.32 -24.36 9.41
CA MET A 28 -13.21 -24.70 8.31
C MET A 28 -13.61 -23.46 7.52
N GLN A 29 -13.37 -22.30 8.11
CA GLN A 29 -13.77 -21.02 7.53
C GLN A 29 -12.72 -20.49 6.55
N ASN A 30 -13.14 -20.15 5.33
CA ASN A 30 -12.21 -19.72 4.28
C ASN A 30 -12.50 -18.32 3.76
N GLU A 31 -11.55 -17.42 3.92
CA GLU A 31 -11.66 -16.08 3.37
C GLU A 31 -11.44 -16.14 1.87
N ILE A 32 -12.38 -15.61 1.11
CA ILE A 32 -12.39 -15.74 -0.34
C ILE A 32 -11.88 -14.48 -1.06
N THR A 33 -12.57 -13.36 -0.87
CA THR A 33 -12.20 -12.11 -1.51
C THR A 33 -12.94 -10.93 -0.89
N SER A 34 -12.50 -9.72 -1.22
CA SER A 34 -13.11 -8.50 -0.69
C SER A 34 -13.46 -7.54 -1.82
N PHE A 35 -14.50 -6.75 -1.61
CA PHE A 35 -14.96 -5.77 -2.60
C PHE A 35 -15.53 -4.55 -1.88
N ASP A 36 -15.56 -3.42 -2.59
CA ASP A 36 -16.07 -2.17 -2.04
C ASP A 36 -16.79 -1.35 -3.11
N THR A 37 -17.31 -2.03 -4.12
CA THR A 37 -18.14 -1.40 -5.13
C THR A 37 -19.32 -2.32 -5.47
N VAL A 38 -20.39 -1.73 -6.00
CA VAL A 38 -21.56 -2.48 -6.42
C VAL A 38 -21.22 -3.46 -7.53
N GLU A 39 -20.35 -3.03 -8.44
CA GLU A 39 -20.03 -3.80 -9.64
C GLU A 39 -19.18 -5.03 -9.32
N ASP A 40 -18.23 -4.86 -8.41
CA ASP A 40 -17.36 -5.97 -8.00
C ASP A 40 -18.16 -7.02 -7.24
N PHE A 41 -19.19 -6.58 -6.55
CA PHE A 41 -20.09 -7.50 -5.86
C PHE A 41 -20.81 -8.40 -6.87
N TRP A 42 -21.45 -7.81 -7.87
CA TRP A 42 -22.17 -8.58 -8.89
C TRP A 42 -21.20 -9.50 -9.65
N SER A 43 -19.98 -9.03 -9.86
CA SER A 43 -18.96 -9.82 -10.55
C SER A 43 -18.64 -11.09 -9.78
N LEU A 44 -18.58 -10.96 -8.47
CA LEU A 44 -18.35 -12.10 -7.60
C LEU A 44 -19.61 -12.94 -7.54
N TYR A 45 -20.74 -12.30 -7.30
CA TYR A 45 -21.99 -13.03 -7.07
C TYR A 45 -22.48 -13.75 -8.31
N ASN A 46 -22.23 -13.19 -9.49
CA ASN A 46 -22.68 -13.80 -10.72
C ASN A 46 -21.86 -15.01 -11.12
N HIS A 47 -20.76 -15.27 -10.40
CA HIS A 47 -19.84 -16.34 -10.76
C HIS A 47 -19.61 -17.38 -9.66
N ILE A 48 -20.35 -17.25 -8.56
CA ILE A 48 -20.29 -18.25 -7.49
C ILE A 48 -21.59 -19.04 -7.45
N LYS A 49 -21.52 -20.26 -6.94
CA LYS A 49 -22.72 -21.09 -6.78
C LYS A 49 -23.68 -20.39 -5.82
N PRO A 50 -24.99 -20.43 -6.12
CA PRO A 50 -25.95 -19.93 -5.14
C PRO A 50 -26.04 -20.91 -3.97
N PRO A 51 -26.52 -20.45 -2.80
CA PRO A 51 -26.55 -21.29 -1.59
C PRO A 51 -27.25 -22.64 -1.82
N SER A 52 -28.26 -22.66 -2.68
CA SER A 52 -29.03 -23.87 -2.94
C SER A 52 -28.18 -24.97 -3.59
N GLU A 53 -27.00 -24.60 -4.10
CA GLU A 53 -26.16 -25.52 -4.86
C GLU A 53 -24.90 -25.97 -4.12
N ILE A 54 -24.55 -25.31 -3.01
CA ILE A 54 -23.34 -25.66 -2.29
C ILE A 54 -23.56 -26.89 -1.41
N LYS A 55 -22.45 -27.54 -1.05
CA LYS A 55 -22.47 -28.79 -0.28
C LYS A 55 -23.18 -28.62 1.07
N LEU A 56 -23.77 -29.70 1.57
CA LEU A 56 -24.42 -29.70 2.87
C LEU A 56 -23.41 -29.51 3.99
N GLY A 57 -23.77 -28.66 4.96
CA GLY A 57 -22.89 -28.36 6.07
C GLY A 57 -21.95 -27.20 5.74
N SER A 58 -22.20 -26.53 4.62
CA SER A 58 -21.38 -25.38 4.20
C SER A 58 -22.10 -24.07 4.47
N ASP A 59 -21.33 -22.99 4.54
CA ASP A 59 -21.87 -21.66 4.81
C ASP A 59 -21.34 -20.62 3.84
N TYR A 60 -22.16 -19.62 3.57
CA TYR A 60 -21.70 -18.38 2.95
C TYR A 60 -21.80 -17.29 4.02
N SER A 61 -20.75 -16.48 4.14
CA SER A 61 -20.80 -15.35 5.06
C SER A 61 -20.29 -14.10 4.36
N LEU A 62 -20.97 -12.99 4.61
CA LEU A 62 -20.53 -11.70 4.11
C LEU A 62 -20.40 -10.73 5.28
N PHE A 63 -19.15 -10.39 5.61
CA PHE A 63 -18.85 -9.50 6.73
C PHE A 63 -17.98 -8.32 6.29
N LYS A 64 -17.90 -7.30 7.13
CA LYS A 64 -16.96 -6.20 6.92
C LYS A 64 -15.54 -6.72 7.00
N LYS A 65 -14.65 -6.15 6.19
CA LYS A 65 -13.29 -6.66 6.00
C LYS A 65 -12.61 -7.10 7.29
N ASN A 66 -12.60 -6.21 8.28
CA ASN A 66 -11.93 -6.50 9.54
C ASN A 66 -12.62 -7.63 10.31
N ILE A 67 -13.94 -7.66 10.24
CA ILE A 67 -14.74 -8.55 11.08
C ILE A 67 -14.83 -9.95 10.51
N ARG A 68 -14.58 -10.95 11.34
CA ARG A 68 -14.64 -12.35 10.93
C ARG A 68 -15.97 -12.95 11.36
N PRO A 69 -16.47 -13.94 10.59
CA PRO A 69 -17.72 -14.59 10.97
C PRO A 69 -17.50 -15.57 12.12
N MET A 70 -17.06 -15.03 13.26
CA MET A 70 -16.72 -15.84 14.42
C MET A 70 -17.13 -15.13 15.71
N TRP A 71 -17.40 -15.90 16.75
CA TRP A 71 -17.82 -15.35 18.03
C TRP A 71 -16.72 -14.56 18.73
N GLU A 72 -15.49 -15.06 18.65
CA GLU A 72 -14.37 -14.49 19.41
C GLU A 72 -13.95 -13.10 18.92
N ASP A 73 -14.32 -12.76 17.70
CA ASP A 73 -14.02 -11.44 17.15
C ASP A 73 -14.64 -10.37 18.05
N ALA A 74 -13.90 -9.29 18.28
CA ALA A 74 -14.34 -8.25 19.22
C ALA A 74 -15.66 -7.63 18.80
N ALA A 75 -15.89 -7.55 17.49
CA ALA A 75 -17.09 -6.94 16.96
C ALA A 75 -18.35 -7.79 17.23
N ASN A 76 -18.16 -9.10 17.40
CA ASN A 76 -19.29 -10.03 17.55
C ASN A 76 -19.50 -10.56 18.96
N LYS A 77 -18.53 -10.35 19.85
CA LYS A 77 -18.58 -10.95 21.18
C LYS A 77 -19.78 -10.46 21.99
N GLN A 78 -20.01 -9.15 21.94
CA GLN A 78 -21.14 -8.54 22.65
C GLN A 78 -22.40 -8.57 21.81
N GLY A 79 -22.32 -9.19 20.63
CA GLY A 79 -23.38 -9.11 19.65
C GLY A 79 -24.29 -10.32 19.61
N GLY A 80 -25.34 -10.21 18.81
CA GLY A 80 -26.30 -11.29 18.63
C GLY A 80 -26.63 -11.41 17.15
N ARG A 81 -27.74 -12.07 16.83
CA ARG A 81 -28.11 -12.26 15.45
C ARG A 81 -29.61 -12.45 15.28
N TRP A 82 -30.15 -11.87 14.20
CA TRP A 82 -31.51 -12.17 13.78
C TRP A 82 -31.48 -13.43 12.93
N VAL A 83 -32.04 -14.52 13.45
CA VAL A 83 -32.03 -15.81 12.78
C VAL A 83 -33.36 -16.12 12.11
N ILE A 84 -33.31 -16.47 10.83
CA ILE A 84 -34.49 -16.87 10.09
C ILE A 84 -34.36 -18.35 9.75
N THR A 85 -35.17 -19.18 10.42
CA THR A 85 -35.15 -20.61 10.18
C THR A 85 -36.24 -20.99 9.19
N LEU A 86 -35.84 -21.60 8.08
CA LEU A 86 -36.78 -22.05 7.04
C LEU A 86 -36.77 -23.57 6.93
N ASN A 87 -37.92 -24.18 7.21
CA ASN A 87 -38.04 -25.63 7.20
C ASN A 87 -38.03 -26.17 5.78
N LYS A 88 -38.83 -25.56 4.92
CA LYS A 88 -38.93 -25.98 3.52
C LYS A 88 -39.14 -24.78 2.61
N SER A 89 -38.26 -24.63 1.63
CA SER A 89 -38.33 -23.53 0.68
C SER A 89 -37.77 -23.96 -0.66
N SER A 90 -38.31 -23.41 -1.74
CA SER A 90 -37.80 -23.68 -3.07
C SER A 90 -36.37 -23.15 -3.13
N LYS A 91 -35.55 -23.78 -3.98
CA LYS A 91 -34.15 -23.40 -4.10
C LYS A 91 -34.03 -21.94 -4.55
N THR A 92 -34.97 -21.49 -5.36
CA THR A 92 -34.92 -20.13 -5.89
C THR A 92 -35.36 -19.11 -4.85
N ASP A 93 -36.33 -19.49 -4.02
CA ASP A 93 -36.80 -18.59 -2.96
C ASP A 93 -35.70 -18.36 -1.94
N LEU A 94 -35.02 -19.44 -1.58
CA LEU A 94 -33.88 -19.37 -0.66
C LEU A 94 -32.81 -18.44 -1.21
N ASP A 95 -32.42 -18.65 -2.46
CA ASP A 95 -31.41 -17.82 -3.10
C ASP A 95 -31.84 -16.36 -3.18
N ASN A 96 -33.13 -16.14 -3.43
CA ASN A 96 -33.65 -14.78 -3.49
C ASN A 96 -33.54 -14.08 -2.15
N LEU A 97 -33.89 -14.80 -1.09
CA LEU A 97 -33.88 -14.22 0.24
C LEU A 97 -32.45 -13.89 0.65
N TRP A 98 -31.53 -14.80 0.36
CA TRP A 98 -30.12 -14.58 0.65
C TRP A 98 -29.63 -13.34 -0.10
N LEU A 99 -29.96 -13.25 -1.38
CA LEU A 99 -29.57 -12.11 -2.18
C LEU A 99 -30.19 -10.82 -1.61
N ASP A 100 -31.45 -10.89 -1.23
CA ASP A 100 -32.15 -9.74 -0.65
C ASP A 100 -31.44 -9.24 0.61
N VAL A 101 -30.90 -10.16 1.40
CA VAL A 101 -30.18 -9.80 2.63
C VAL A 101 -28.86 -9.14 2.29
N LEU A 102 -28.14 -9.70 1.32
CA LEU A 102 -26.88 -9.13 0.90
C LEU A 102 -27.06 -7.68 0.44
N LEU A 103 -28.12 -7.42 -0.32
CA LEU A 103 -28.37 -6.09 -0.86
C LEU A 103 -28.68 -5.10 0.26
N CYS A 104 -29.31 -5.59 1.32
CA CYS A 104 -29.59 -4.78 2.50
C CYS A 104 -28.31 -4.37 3.24
N LEU A 105 -27.33 -5.27 3.24
CA LEU A 105 -26.06 -5.01 3.92
C LEU A 105 -25.19 -3.99 3.19
N ILE A 106 -24.84 -4.29 1.94
CA ILE A 106 -23.95 -3.44 1.16
C ILE A 106 -24.61 -2.12 0.78
N GLY A 107 -25.93 -2.15 0.66
CA GLY A 107 -26.70 -0.95 0.32
C GLY A 107 -26.91 -0.05 1.51
N GLU A 108 -26.58 -0.56 2.70
CA GLU A 108 -26.76 0.18 3.94
C GLU A 108 -28.21 0.63 4.09
N ALA A 109 -29.14 -0.30 3.94
CA ALA A 109 -30.56 0.01 4.05
C ALA A 109 -30.98 0.32 5.48
N PHE A 110 -30.19 -0.17 6.43
CA PHE A 110 -30.48 0.03 7.85
C PHE A 110 -29.94 1.36 8.35
N ASP A 111 -30.73 2.04 9.17
CA ASP A 111 -30.31 3.30 9.78
C ASP A 111 -29.09 3.06 10.67
N HIS A 112 -29.14 1.99 11.46
CA HIS A 112 -28.02 1.62 12.33
C HIS A 112 -27.01 0.77 11.55
N SER A 113 -26.40 1.36 10.53
CA SER A 113 -25.44 0.66 9.69
C SER A 113 -24.21 0.23 10.48
N ASP A 114 -23.86 1.02 11.48
CA ASP A 114 -22.66 0.77 12.26
C ASP A 114 -22.77 -0.51 13.07
N GLN A 115 -23.99 -0.87 13.46
CA GLN A 115 -24.22 -2.00 14.36
C GLN A 115 -24.15 -3.34 13.64
N ILE A 116 -24.39 -3.34 12.33
CA ILE A 116 -24.36 -4.57 11.54
C ILE A 116 -22.94 -5.01 11.25
N CYS A 117 -22.66 -6.29 11.53
CA CYS A 117 -21.33 -6.86 11.29
C CYS A 117 -21.28 -7.61 9.98
N GLY A 118 -22.33 -8.36 9.71
CA GLY A 118 -22.41 -9.15 8.50
C GLY A 118 -23.60 -10.08 8.49
N ALA A 119 -23.60 -11.02 7.55
CA ALA A 119 -24.68 -11.99 7.42
C ALA A 119 -24.12 -13.36 7.10
N VAL A 120 -24.90 -14.39 7.42
CA VAL A 120 -24.49 -15.79 7.22
C VAL A 120 -25.70 -16.60 6.79
N ILE A 121 -25.47 -17.54 5.87
CA ILE A 121 -26.49 -18.53 5.52
C ILE A 121 -25.92 -19.93 5.74
N ASN A 122 -26.68 -20.78 6.40
CA ASN A 122 -26.28 -22.16 6.70
C ASN A 122 -27.09 -23.15 5.87
N ILE A 123 -26.39 -23.96 5.09
CA ILE A 123 -27.03 -25.00 4.28
C ILE A 123 -26.91 -26.34 4.97
N ARG A 124 -28.00 -26.75 5.61
CA ARG A 124 -28.09 -28.05 6.26
C ARG A 124 -29.23 -28.85 5.63
N GLY A 125 -29.20 -30.17 5.80
CA GLY A 125 -30.22 -31.02 5.23
C GLY A 125 -31.59 -30.81 5.85
N LYS A 126 -31.65 -30.81 7.18
CA LYS A 126 -32.92 -30.72 7.89
C LYS A 126 -33.59 -29.36 7.66
N SER A 127 -32.82 -28.28 7.80
CA SER A 127 -33.36 -26.93 7.65
C SER A 127 -32.27 -25.91 7.36
N ASN A 128 -32.62 -24.91 6.56
CA ASN A 128 -31.70 -23.84 6.23
C ASN A 128 -31.92 -22.63 7.14
N LYS A 129 -30.88 -21.85 7.35
CA LYS A 129 -30.93 -20.68 8.23
C LYS A 129 -30.18 -19.49 7.64
N ILE A 130 -30.71 -18.29 7.87
CA ILE A 130 -30.05 -17.05 7.48
C ILE A 130 -30.00 -16.08 8.66
N SER A 131 -28.80 -15.64 9.01
CA SER A 131 -28.60 -14.79 10.17
C SER A 131 -27.92 -13.48 9.83
N ILE A 132 -28.38 -12.40 10.47
CA ILE A 132 -27.74 -11.10 10.36
C ILE A 132 -27.06 -10.79 11.69
N TRP A 133 -25.74 -10.67 11.67
CA TRP A 133 -24.96 -10.48 12.90
C TRP A 133 -24.83 -9.01 13.32
N THR A 134 -25.32 -8.71 14.51
CA THR A 134 -25.27 -7.36 15.07
C THR A 134 -24.05 -7.23 15.98
N ALA A 135 -23.62 -6.01 16.24
CA ALA A 135 -22.46 -5.75 17.09
C ALA A 135 -22.80 -5.81 18.58
N ASP A 136 -23.89 -5.15 18.96
CA ASP A 136 -24.28 -5.05 20.37
C ASP A 136 -25.68 -5.60 20.66
N GLY A 137 -25.74 -6.65 21.46
CA GLY A 137 -27.00 -7.25 21.85
C GLY A 137 -27.78 -6.35 22.80
N ASN A 138 -27.06 -5.56 23.59
CA ASN A 138 -27.69 -4.65 24.54
C ASN A 138 -28.32 -3.41 23.89
N ASN A 139 -27.92 -3.12 22.66
CA ASN A 139 -28.49 -2.00 21.93
C ASN A 139 -29.87 -2.39 21.39
N GLU A 140 -30.88 -2.22 22.23
CA GLU A 140 -32.25 -2.60 21.87
C GLU A 140 -32.74 -1.79 20.69
N GLU A 141 -32.47 -0.49 20.70
CA GLU A 141 -32.89 0.41 19.63
C GLU A 141 -32.37 -0.09 18.28
N ALA A 142 -31.09 -0.43 18.25
CA ALA A 142 -30.46 -0.89 17.02
C ALA A 142 -31.06 -2.22 16.56
N ALA A 143 -31.13 -3.19 17.47
CA ALA A 143 -31.60 -4.54 17.14
C ALA A 143 -33.02 -4.53 16.62
N LEU A 144 -33.88 -3.73 17.24
CA LEU A 144 -35.28 -3.62 16.84
C LEU A 144 -35.40 -2.94 15.47
N GLU A 145 -34.63 -1.87 15.28
CA GLU A 145 -34.65 -1.15 14.01
C GLU A 145 -34.21 -2.07 12.88
N ILE A 146 -33.14 -2.81 13.10
CA ILE A 146 -32.62 -3.75 12.12
C ILE A 146 -33.59 -4.91 11.91
N GLY A 147 -34.21 -5.34 13.01
CA GLY A 147 -35.12 -6.46 12.98
C GLY A 147 -36.35 -6.20 12.13
N HIS A 148 -37.08 -5.13 12.44
CA HIS A 148 -38.28 -4.78 11.69
C HIS A 148 -37.94 -4.40 10.26
N LYS A 149 -36.82 -3.70 10.09
CA LYS A 149 -36.37 -3.31 8.76
C LYS A 149 -36.08 -4.53 7.92
N LEU A 150 -35.56 -5.59 8.57
CA LEU A 150 -35.25 -6.83 7.88
C LEU A 150 -36.53 -7.55 7.46
N ARG A 151 -37.56 -7.47 8.30
CA ARG A 151 -38.85 -8.08 8.00
C ARG A 151 -39.50 -7.38 6.81
N ASP A 152 -39.35 -6.06 6.77
CA ASP A 152 -39.94 -5.25 5.71
C ASP A 152 -39.27 -5.53 4.36
N ALA A 153 -37.95 -5.51 4.35
CA ALA A 153 -37.17 -5.72 3.12
C ALA A 153 -37.39 -7.12 2.55
N LEU A 154 -37.60 -8.08 3.43
CA LEU A 154 -37.85 -9.47 3.04
C LEU A 154 -39.34 -9.78 3.05
N SER A 161 -39.81 -18.08 10.77
CA SER A 161 -39.80 -17.45 12.09
C SER A 161 -38.57 -16.57 12.27
N LEU A 162 -38.78 -15.35 12.73
CA LEU A 162 -37.71 -14.38 12.92
C LEU A 162 -37.49 -14.07 14.40
N GLN A 163 -36.31 -14.44 14.90
CA GLN A 163 -35.98 -14.26 16.30
C GLN A 163 -34.54 -13.77 16.51
N TYR A 164 -34.39 -12.78 17.40
CA TYR A 164 -33.06 -12.28 17.76
C TYR A 164 -32.51 -13.00 18.98
N GLN A 165 -31.25 -13.42 18.88
CA GLN A 165 -30.61 -14.13 19.96
C GLN A 165 -29.17 -13.67 20.10
N LEU A 166 -28.65 -13.73 21.33
CA LEU A 166 -27.29 -13.29 21.62
C LEU A 166 -26.30 -14.37 21.21
N HIS A 167 -25.06 -13.96 20.96
CA HIS A 167 -23.99 -14.91 20.67
C HIS A 167 -23.49 -15.54 21.96
N LYS A 168 -23.49 -14.77 23.04
CA LYS A 168 -23.07 -15.28 24.33
C LYS A 168 -24.16 -16.20 24.87
N ASP A 169 -23.75 -17.29 25.52
CA ASP A 169 -24.69 -18.26 26.08
C ASP A 169 -24.98 -17.93 27.55
N THR A 170 -26.22 -17.57 27.84
CA THR A 170 -26.63 -17.28 29.21
C THR A 170 -28.15 -17.38 29.38
N MET B 4 -27.53 10.24 3.91
CA MET B 4 -27.95 9.08 3.06
C MET B 4 -27.06 8.98 1.82
N LEU B 5 -25.76 9.10 2.02
CA LEU B 5 -24.77 8.98 0.95
C LEU B 5 -24.13 7.59 0.98
N GLU B 6 -23.82 7.05 -0.20
CA GLU B 6 -23.31 5.69 -0.35
C GLU B 6 -24.33 4.67 0.13
N ARG B 7 -25.61 4.99 -0.04
CA ARG B 7 -26.69 4.05 0.24
C ARG B 7 -27.44 3.69 -1.05
N TYR B 8 -27.76 2.41 -1.21
CA TYR B 8 -28.45 1.92 -2.39
C TYR B 8 -29.65 1.06 -2.00
N SER B 9 -30.78 1.33 -2.63
CA SER B 9 -31.96 0.51 -2.45
C SER B 9 -31.83 -0.73 -3.32
N LYS B 10 -32.71 -1.70 -3.10
CA LYS B 10 -32.69 -2.95 -3.85
C LYS B 10 -32.83 -2.71 -5.36
N VAL B 11 -33.73 -1.81 -5.72
CA VAL B 11 -33.93 -1.50 -7.13
C VAL B 11 -32.66 -0.91 -7.73
N ASP B 12 -31.96 -0.08 -6.97
CA ASP B 12 -30.73 0.53 -7.46
C ASP B 12 -29.67 -0.52 -7.73
N LEU B 13 -29.46 -1.40 -6.75
CA LEU B 13 -28.42 -2.42 -6.87
C LEU B 13 -28.71 -3.41 -7.99
N LEU B 14 -29.98 -3.75 -8.17
CA LEU B 14 -30.35 -4.71 -9.20
C LEU B 14 -30.13 -4.11 -10.59
N ALA B 15 -30.39 -2.80 -10.70
CA ALA B 15 -30.22 -2.10 -11.98
C ALA B 15 -28.79 -2.22 -12.50
N LEU B 16 -27.83 -2.17 -11.59
CA LEU B 16 -26.42 -2.23 -11.95
C LEU B 16 -25.93 -3.66 -12.18
N ARG B 17 -26.82 -4.64 -12.05
CA ARG B 17 -26.40 -6.04 -12.12
C ARG B 17 -25.98 -6.47 -13.52
N TYR B 18 -26.58 -5.87 -14.53
CA TYR B 18 -26.29 -6.24 -15.91
C TYR B 18 -25.35 -5.22 -16.55
N SER B 19 -24.71 -4.41 -15.72
CA SER B 19 -23.69 -3.48 -16.20
C SER B 19 -22.50 -4.26 -16.74
N PRO B 20 -21.82 -3.74 -17.78
CA PRO B 20 -20.66 -4.46 -18.29
C PRO B 20 -19.58 -4.66 -17.23
N LEU B 21 -19.44 -3.71 -16.32
CA LEU B 21 -18.48 -3.83 -15.21
C LEU B 21 -18.95 -4.83 -14.15
N SER B 22 -20.26 -5.00 -14.03
CA SER B 22 -20.83 -6.03 -13.17
C SER B 22 -20.80 -7.39 -13.85
N GLN B 23 -20.64 -7.38 -15.17
CA GLN B 23 -20.64 -8.61 -15.95
C GLN B 23 -19.23 -9.16 -16.08
N THR B 24 -18.24 -8.33 -15.76
CA THR B 24 -16.83 -8.74 -15.83
C THR B 24 -16.59 -9.98 -14.96
N PRO B 25 -15.81 -10.96 -15.49
CA PRO B 25 -15.54 -12.16 -14.69
C PRO B 25 -14.46 -11.92 -13.64
N PRO B 26 -14.42 -12.77 -12.60
CA PRO B 26 -13.35 -12.67 -11.61
C PRO B 26 -11.97 -12.86 -12.23
N GLY B 27 -10.93 -12.33 -11.59
CA GLY B 27 -9.57 -12.57 -12.02
C GLY B 27 -9.28 -14.06 -11.88
N ILE B 28 -8.21 -14.53 -12.51
CA ILE B 28 -7.92 -15.95 -12.50
C ILE B 28 -7.57 -16.44 -11.10
N GLU B 29 -6.92 -15.59 -10.30
CA GLU B 29 -6.58 -15.99 -8.94
C GLU B 29 -7.84 -16.27 -8.13
N LEU B 30 -8.78 -15.34 -8.20
CA LEU B 30 -10.05 -15.50 -7.50
C LEU B 30 -10.79 -16.73 -8.02
N GLU B 31 -10.90 -16.86 -9.35
CA GLU B 31 -11.53 -18.02 -9.94
C GLU B 31 -10.86 -19.30 -9.43
N GLY B 32 -9.55 -19.25 -9.27
CA GLY B 32 -8.82 -20.40 -8.78
C GLY B 32 -9.28 -20.75 -7.38
N ARG B 33 -9.36 -19.73 -6.53
CA ARG B 33 -9.78 -19.90 -5.14
C ARG B 33 -11.21 -20.40 -5.08
N LEU B 34 -12.06 -19.88 -5.94
CA LEU B 34 -13.46 -20.29 -5.99
C LEU B 34 -13.54 -21.74 -6.43
N ARG B 35 -12.77 -22.10 -7.47
CA ARG B 35 -12.77 -23.46 -7.97
C ARG B 35 -12.22 -24.42 -6.93
N ARG B 36 -11.27 -23.96 -6.15
CA ARG B 36 -10.66 -24.78 -5.11
C ARG B 36 -11.68 -25.08 -4.01
N MET B 37 -12.48 -24.08 -3.66
CA MET B 37 -13.52 -24.24 -2.65
C MET B 37 -14.78 -24.87 -3.26
N ASN B 38 -14.76 -25.04 -4.57
CA ASN B 38 -15.87 -25.68 -5.29
C ASN B 38 -17.14 -24.84 -5.20
N ILE B 39 -16.99 -23.52 -5.08
CA ILE B 39 -18.13 -22.62 -5.07
C ILE B 39 -18.22 -21.86 -6.39
N TRP B 40 -17.31 -22.14 -7.31
CA TRP B 40 -17.37 -21.56 -8.65
C TRP B 40 -18.65 -22.02 -9.35
N ARG B 41 -19.35 -21.08 -9.97
CA ARG B 41 -20.63 -21.40 -10.60
C ARG B 41 -20.43 -22.36 -11.76
N THR B 42 -21.27 -23.38 -11.81
CA THR B 42 -21.15 -24.43 -12.83
C THR B 42 -21.36 -23.87 -14.23
N GLY B 43 -20.48 -24.27 -15.15
CA GLY B 43 -20.60 -23.88 -16.54
C GLY B 43 -20.24 -22.42 -16.80
N SER B 44 -19.61 -21.78 -15.83
CA SER B 44 -19.19 -20.38 -15.95
C SER B 44 -17.69 -20.31 -16.20
N MET C 4 27.60 -17.31 -13.48
CA MET C 4 28.24 -16.88 -12.23
C MET C 4 27.26 -16.19 -11.30
N LYS C 5 27.33 -16.55 -10.03
CA LYS C 5 26.41 -16.00 -9.03
C LYS C 5 26.78 -14.58 -8.64
N HIS C 6 25.78 -13.82 -8.20
CA HIS C 6 25.98 -12.46 -7.74
C HIS C 6 25.95 -12.39 -6.20
N PRO C 7 27.06 -11.97 -5.57
CA PRO C 7 27.14 -12.05 -4.11
C PRO C 7 26.25 -11.04 -3.38
N LEU C 8 25.78 -11.42 -2.20
CA LEU C 8 25.01 -10.53 -1.34
C LEU C 8 25.95 -9.88 -0.35
N MET C 9 25.55 -8.72 0.17
CA MET C 9 26.35 -8.02 1.17
C MET C 9 26.42 -8.82 2.46
N ASN C 10 25.32 -9.47 2.80
CA ASN C 10 25.22 -10.28 4.01
C ASN C 10 24.76 -11.70 3.76
N VAL C 11 25.17 -12.60 4.64
CA VAL C 11 24.56 -13.92 4.71
C VAL C 11 23.20 -13.75 5.38
N TRP C 12 22.19 -14.43 4.84
CA TRP C 12 20.82 -14.33 5.37
C TRP C 12 20.32 -15.72 5.74
N THR C 13 19.53 -15.81 6.80
CA THR C 13 19.04 -17.09 7.29
C THR C 13 17.53 -17.06 7.43
N LEU C 14 16.88 -18.05 6.83
CA LEU C 14 15.43 -18.20 6.93
C LEU C 14 15.09 -18.97 8.19
N TRP C 15 14.06 -18.49 8.89
CA TRP C 15 13.55 -19.16 10.07
C TRP C 15 12.05 -19.35 9.90
N TYR C 16 11.56 -20.52 10.28
CA TYR C 16 10.13 -20.79 10.31
C TYR C 16 9.68 -21.13 11.73
N LEU C 17 8.67 -20.41 12.20
CA LEU C 17 8.07 -20.68 13.50
C LEU C 17 6.75 -21.42 13.33
N GLU C 18 6.61 -22.54 14.03
CA GLU C 18 5.35 -23.27 14.05
C GLU C 18 4.81 -23.25 15.47
N ASN C 19 3.62 -22.65 15.63
CA ASN C 19 3.01 -22.49 16.94
C ASN C 19 2.66 -23.85 17.57
N ASP C 20 3.23 -24.10 18.74
CA ASP C 20 2.99 -25.32 19.49
C ASP C 20 2.94 -25.00 20.98
N ARG C 21 1.81 -25.31 21.61
CA ARG C 21 1.61 -24.98 23.02
C ARG C 21 2.63 -25.67 23.90
N SER C 22 3.08 -26.85 23.48
CA SER C 22 4.03 -27.65 24.26
C SER C 22 5.39 -26.98 24.42
N LYS C 23 5.94 -26.50 23.31
CA LYS C 23 7.29 -25.94 23.31
C LYS C 23 7.28 -24.47 23.71
N SER C 24 8.45 -23.97 24.09
CA SER C 24 8.59 -22.56 24.48
C SER C 24 8.68 -21.67 23.25
N TRP C 25 8.54 -20.36 23.49
CA TRP C 25 8.54 -19.36 22.43
C TRP C 25 9.76 -19.52 21.52
N GLU C 26 10.93 -19.69 22.11
CA GLU C 26 12.18 -19.86 21.37
C GLU C 26 12.21 -21.19 20.61
N ASP C 27 11.63 -22.23 21.21
CA ASP C 27 11.69 -23.57 20.65
C ASP C 27 10.71 -23.76 19.49
N MET C 28 9.75 -22.85 19.35
CA MET C 28 8.85 -22.88 18.20
C MET C 28 9.56 -22.45 16.92
N GLN C 29 10.68 -21.74 17.08
CA GLN C 29 11.45 -21.25 15.95
C GLN C 29 12.31 -22.35 15.34
N ASN C 30 12.32 -22.45 14.02
CA ASN C 30 13.13 -23.44 13.30
C ASN C 30 14.02 -22.81 12.25
N GLU C 31 15.33 -23.02 12.37
CA GLU C 31 16.28 -22.51 11.38
C GLU C 31 16.27 -23.39 10.13
N ILE C 32 15.93 -22.80 9.00
CA ILE C 32 15.75 -23.55 7.75
C ILE C 32 17.03 -23.65 6.91
N THR C 33 17.59 -22.50 6.54
CA THR C 33 18.79 -22.49 5.71
C THR C 33 19.38 -21.09 5.59
N SER C 34 20.65 -21.02 5.18
CA SER C 34 21.33 -19.75 4.94
C SER C 34 21.83 -19.65 3.51
N PHE C 35 21.89 -18.42 2.99
CA PHE C 35 22.34 -18.16 1.64
C PHE C 35 23.07 -16.84 1.60
N ASP C 36 23.89 -16.65 0.57
CA ASP C 36 24.67 -15.43 0.44
C ASP C 36 24.79 -14.98 -1.03
N THR C 37 23.82 -15.37 -1.85
CA THR C 37 23.78 -14.94 -3.24
C THR C 37 22.34 -14.76 -3.70
N VAL C 38 22.14 -13.87 -4.67
CA VAL C 38 20.81 -13.59 -5.20
C VAL C 38 20.17 -14.88 -5.73
N GLU C 39 20.96 -15.68 -6.44
CA GLU C 39 20.44 -16.88 -7.09
C GLU C 39 19.96 -17.91 -6.07
N ASP C 40 20.71 -18.06 -4.99
CA ASP C 40 20.36 -19.00 -3.93
C ASP C 40 19.09 -18.57 -3.22
N PHE C 41 18.86 -17.26 -3.14
CA PHE C 41 17.62 -16.76 -2.56
C PHE C 41 16.41 -17.20 -3.39
N TRP C 42 16.47 -16.97 -4.70
CA TRP C 42 15.36 -17.32 -5.59
C TRP C 42 15.12 -18.83 -5.58
N SER C 43 16.19 -19.61 -5.50
CA SER C 43 16.07 -21.06 -5.40
C SER C 43 15.19 -21.43 -4.21
N LEU C 44 15.46 -20.81 -3.07
CA LEU C 44 14.70 -21.06 -1.84
C LEU C 44 13.29 -20.51 -1.93
N TYR C 45 13.16 -19.27 -2.39
CA TYR C 45 11.88 -18.60 -2.39
C TYR C 45 10.86 -19.28 -3.32
N ASN C 46 11.35 -19.80 -4.45
CA ASN C 46 10.49 -20.48 -5.41
C ASN C 46 9.98 -21.83 -4.93
N HIS C 47 10.62 -22.38 -3.90
CA HIS C 47 10.32 -23.73 -3.44
C HIS C 47 9.80 -23.76 -1.99
N ILE C 48 9.32 -22.64 -1.50
CA ILE C 48 8.68 -22.59 -0.18
C ILE C 48 7.29 -21.99 -0.32
N LYS C 49 6.40 -22.38 0.59
CA LYS C 49 5.04 -21.87 0.53
C LYS C 49 5.05 -20.37 0.78
N PRO C 50 4.20 -19.62 0.05
CA PRO C 50 4.10 -18.20 0.39
C PRO C 50 3.41 -18.02 1.75
N PRO C 51 3.52 -16.82 2.36
CA PRO C 51 2.90 -16.53 3.66
C PRO C 51 1.40 -16.78 3.69
N SER C 52 0.72 -16.54 2.57
CA SER C 52 -0.72 -16.71 2.49
C SER C 52 -1.14 -18.17 2.67
N GLU C 53 -0.18 -19.09 2.54
CA GLU C 53 -0.48 -20.51 2.53
C GLU C 53 0.02 -21.27 3.76
N ILE C 54 0.77 -20.62 4.65
CA ILE C 54 1.27 -21.31 5.82
C ILE C 54 0.22 -21.33 6.94
N LYS C 55 0.42 -22.23 7.89
CA LYS C 55 -0.50 -22.43 8.99
C LYS C 55 -0.69 -21.14 9.80
N LEU C 56 -1.85 -20.98 10.42
CA LEU C 56 -2.10 -19.84 11.29
C LEU C 56 -1.21 -19.90 12.53
N GLY C 57 -0.80 -18.74 13.02
CA GLY C 57 0.08 -18.65 14.16
C GLY C 57 1.53 -18.92 13.81
N SER C 58 1.83 -19.12 12.53
CA SER C 58 3.20 -19.40 12.09
C SER C 58 3.89 -18.14 11.60
N ASP C 59 5.22 -18.14 11.65
CA ASP C 59 6.04 -17.03 11.17
C ASP C 59 7.07 -17.46 10.12
N TYR C 60 7.34 -16.56 9.18
CA TYR C 60 8.58 -16.60 8.41
C TYR C 60 9.44 -15.46 8.93
N SER C 61 10.74 -15.69 9.03
CA SER C 61 11.66 -14.63 9.40
C SER C 61 12.95 -14.75 8.60
N LEU C 62 13.51 -13.60 8.23
CA LEU C 62 14.79 -13.56 7.54
C LEU C 62 15.75 -12.62 8.28
N PHE C 63 16.88 -13.16 8.72
CA PHE C 63 17.85 -12.40 9.50
C PHE C 63 19.26 -12.61 8.97
N LYS C 64 20.13 -11.62 9.19
CA LYS C 64 21.51 -11.68 8.73
C LYS C 64 22.48 -11.79 9.89
N LYS C 65 23.77 -11.83 9.56
CA LYS C 65 24.85 -11.91 10.54
C LYS C 65 24.58 -13.02 11.57
N ASN C 66 23.83 -14.03 11.14
CA ASN C 66 23.46 -15.16 12.00
C ASN C 66 22.70 -14.72 13.25
N ILE C 67 22.04 -13.57 13.15
CA ILE C 67 21.20 -13.06 14.23
C ILE C 67 19.91 -13.87 14.31
N ARG C 68 19.44 -14.16 15.52
CA ARG C 68 18.20 -14.92 15.70
C ARG C 68 16.99 -14.00 15.86
N PRO C 69 15.81 -14.45 15.39
CA PRO C 69 14.58 -13.67 15.58
C PRO C 69 14.03 -13.83 17.00
N MET C 70 14.86 -13.51 17.98
CA MET C 70 14.51 -13.70 19.38
C MET C 70 14.97 -12.52 20.22
N TRP C 71 14.17 -12.22 21.24
CA TRP C 71 14.49 -11.15 22.17
C TRP C 71 15.87 -11.37 22.81
N GLU C 72 16.15 -12.62 23.16
CA GLU C 72 17.36 -12.94 23.93
C GLU C 72 18.64 -12.59 23.18
N ASP C 73 18.56 -12.60 21.86
CA ASP C 73 19.72 -12.28 21.03
C ASP C 73 20.21 -10.86 21.36
N ALA C 74 21.52 -10.69 21.42
CA ALA C 74 22.12 -9.41 21.79
C ALA C 74 21.89 -8.33 20.74
N ALA C 75 21.81 -8.73 19.48
CA ALA C 75 21.68 -7.77 18.40
C ALA C 75 20.31 -7.09 18.42
N ASN C 76 19.34 -7.71 19.10
CA ASN C 76 17.98 -7.21 19.10
C ASN C 76 17.57 -6.57 20.42
N LYS C 77 18.38 -6.80 21.46
CA LYS C 77 18.01 -6.41 22.81
C LYS C 77 17.82 -4.90 22.97
N GLN C 78 18.72 -4.11 22.40
CA GLN C 78 18.59 -2.65 22.41
C GLN C 78 17.85 -2.17 21.16
N GLY C 79 17.32 -3.12 20.39
CA GLY C 79 16.70 -2.82 19.12
C GLY C 79 15.21 -2.55 19.20
N GLY C 80 14.61 -2.31 18.05
CA GLY C 80 13.18 -2.10 17.94
C GLY C 80 12.70 -2.57 16.58
N ARG C 81 11.48 -2.22 16.20
CA ARG C 81 10.94 -2.68 14.93
C ARG C 81 9.86 -1.77 14.35
N TRP C 82 9.93 -1.55 13.04
CA TRP C 82 8.82 -0.99 12.29
C TRP C 82 7.79 -2.09 12.12
N VAL C 83 6.57 -1.84 12.58
CA VAL C 83 5.49 -2.82 12.49
C VAL C 83 4.43 -2.40 11.47
N ILE C 84 4.26 -3.23 10.44
CA ILE C 84 3.25 -3.00 9.42
C ILE C 84 2.04 -3.89 9.69
N THR C 85 0.98 -3.31 10.23
CA THR C 85 -0.27 -4.03 10.43
C THR C 85 -1.09 -3.95 9.14
N LEU C 86 -1.42 -5.11 8.59
CA LEU C 86 -2.11 -5.16 7.31
C LEU C 86 -3.62 -5.32 7.48
N ASN C 87 -4.33 -4.27 7.09
CA ASN C 87 -5.79 -4.26 7.06
C ASN C 87 -6.24 -3.95 5.63
N LYS C 88 -7.35 -4.55 5.22
CA LYS C 88 -7.80 -4.41 3.84
C LYS C 88 -6.68 -4.82 2.89
N SER C 89 -6.13 -6.01 3.13
CA SER C 89 -5.07 -6.56 2.29
C SER C 89 -5.46 -7.95 1.79
N SER C 90 -5.16 -8.23 0.54
CA SER C 90 -5.45 -9.53 -0.06
C SER C 90 -4.37 -10.53 0.34
N LYS C 91 -4.59 -11.80 0.02
CA LYS C 91 -3.59 -12.83 0.26
C LYS C 91 -2.33 -12.57 -0.55
N THR C 92 -2.47 -12.02 -1.74
CA THR C 92 -1.33 -11.75 -2.62
C THR C 92 -0.73 -10.40 -2.29
N ASP C 93 -1.54 -9.48 -1.81
CA ASP C 93 -1.02 -8.23 -1.28
C ASP C 93 -0.04 -8.57 -0.16
N LEU C 94 -0.39 -9.57 0.65
CA LEU C 94 0.47 -10.04 1.73
C LEU C 94 1.75 -10.66 1.17
N ASP C 95 1.59 -11.56 0.21
CA ASP C 95 2.71 -12.25 -0.41
C ASP C 95 3.65 -11.26 -1.11
N ASN C 96 3.06 -10.29 -1.82
CA ASN C 96 3.84 -9.28 -2.53
C ASN C 96 4.56 -8.34 -1.58
N LEU C 97 3.86 -7.88 -0.55
CA LEU C 97 4.48 -7.00 0.43
C LEU C 97 5.62 -7.71 1.14
N TRP C 98 5.42 -8.97 1.48
CA TRP C 98 6.46 -9.75 2.13
C TRP C 98 7.66 -9.87 1.19
N LEU C 99 7.39 -10.23 -0.07
CA LEU C 99 8.45 -10.38 -1.06
C LEU C 99 9.21 -9.07 -1.23
N ASP C 100 8.48 -7.95 -1.25
CA ASP C 100 9.11 -6.65 -1.39
C ASP C 100 10.05 -6.38 -0.22
N VAL C 101 9.60 -6.70 0.99
CA VAL C 101 10.44 -6.57 2.17
C VAL C 101 11.71 -7.39 2.05
N LEU C 102 11.58 -8.62 1.58
CA LEU C 102 12.73 -9.49 1.39
C LEU C 102 13.74 -8.86 0.43
N LEU C 103 13.25 -8.35 -0.69
CA LEU C 103 14.12 -7.77 -1.71
C LEU C 103 14.79 -6.49 -1.23
N CYS C 104 14.09 -5.71 -0.41
CA CYS C 104 14.66 -4.51 0.19
C CYS C 104 15.81 -4.86 1.13
N LEU C 105 15.66 -5.97 1.85
CA LEU C 105 16.67 -6.40 2.81
C LEU C 105 17.91 -6.97 2.12
N ILE C 106 17.72 -7.99 1.28
CA ILE C 106 18.86 -8.64 0.64
C ILE C 106 19.49 -7.70 -0.39
N GLY C 107 18.68 -6.78 -0.90
CA GLY C 107 19.15 -5.78 -1.84
C GLY C 107 19.91 -4.65 -1.16
N GLU C 108 19.78 -4.56 0.16
CA GLU C 108 20.44 -3.51 0.93
C GLU C 108 20.02 -2.13 0.42
N ALA C 109 18.72 -1.92 0.30
CA ALA C 109 18.19 -0.68 -0.26
C ALA C 109 18.26 0.49 0.72
N PHE C 110 18.49 0.20 1.99
CA PHE C 110 18.52 1.24 3.02
C PHE C 110 19.92 1.82 3.20
N ASP C 111 20.00 3.14 3.39
CA ASP C 111 21.27 3.80 3.68
C ASP C 111 21.85 3.31 5.00
N HIS C 112 20.95 3.13 5.98
CA HIS C 112 21.33 2.57 7.28
C HIS C 112 21.12 1.07 7.31
N SER C 113 21.63 0.38 6.30
CA SER C 113 21.43 -1.05 6.20
C SER C 113 22.09 -1.79 7.35
N ASP C 114 23.11 -1.18 7.94
CA ASP C 114 23.84 -1.75 9.06
C ASP C 114 22.92 -1.92 10.27
N GLN C 115 21.91 -1.06 10.36
CA GLN C 115 21.00 -1.07 11.51
C GLN C 115 19.93 -2.15 11.43
N ILE C 116 19.63 -2.62 10.22
CA ILE C 116 18.63 -3.67 10.04
C ILE C 116 19.15 -5.04 10.45
N CYS C 117 18.37 -5.75 11.27
CA CYS C 117 18.71 -7.09 11.73
C CYS C 117 17.99 -8.16 10.90
N GLY C 118 16.76 -7.86 10.52
CA GLY C 118 15.99 -8.79 9.75
C GLY C 118 14.53 -8.38 9.67
N ALA C 119 13.72 -9.25 9.06
CA ALA C 119 12.29 -9.01 8.94
C ALA C 119 11.49 -10.24 9.34
N VAL C 120 10.32 -9.99 9.91
CA VAL C 120 9.42 -11.05 10.34
C VAL C 120 8.03 -10.83 9.77
N ILE C 121 7.37 -11.92 9.38
CA ILE C 121 5.97 -11.88 9.01
C ILE C 121 5.20 -12.84 9.92
N ASN C 122 4.13 -12.32 10.53
CA ASN C 122 3.26 -13.11 11.39
C ASN C 122 1.93 -13.39 10.69
N ILE C 123 1.59 -14.68 10.59
CA ILE C 123 0.31 -15.08 10.03
C ILE C 123 -0.69 -15.39 11.14
N ARG C 124 -1.66 -14.49 11.31
CA ARG C 124 -2.70 -14.64 12.32
C ARG C 124 -4.06 -14.39 11.69
N GLY C 125 -5.11 -14.90 12.32
CA GLY C 125 -6.45 -14.76 11.79
C GLY C 125 -6.98 -13.36 11.99
N LYS C 126 -6.79 -12.83 13.20
CA LYS C 126 -7.27 -11.50 13.55
C LYS C 126 -6.63 -10.43 12.68
N SER C 127 -5.31 -10.50 12.54
CA SER C 127 -4.56 -9.49 11.79
C SER C 127 -3.16 -9.97 11.47
N ASN C 128 -2.75 -9.79 10.22
CA ASN C 128 -1.40 -10.15 9.79
C ASN C 128 -0.45 -8.97 9.97
N LYS C 129 0.82 -9.27 10.24
CA LYS C 129 1.82 -8.23 10.47
C LYS C 129 3.14 -8.56 9.80
N ILE C 130 3.79 -7.53 9.28
CA ILE C 130 5.14 -7.63 8.75
C ILE C 130 6.01 -6.58 9.44
N SER C 131 7.13 -7.02 10.01
CA SER C 131 7.98 -6.13 10.81
C SER C 131 9.43 -6.16 10.36
N ILE C 132 10.07 -5.00 10.38
CA ILE C 132 11.49 -4.86 10.09
C ILE C 132 12.22 -4.59 11.41
N TRP C 133 13.10 -5.50 11.82
CA TRP C 133 13.80 -5.36 13.10
C TRP C 133 15.09 -4.55 12.97
N THR C 134 15.25 -3.57 13.87
CA THR C 134 16.40 -2.67 13.87
C THR C 134 17.31 -2.96 15.05
N ALA C 135 18.61 -2.69 14.89
CA ALA C 135 19.60 -3.02 15.91
C ALA C 135 19.58 -2.05 17.09
N ASP C 136 19.32 -0.79 16.79
CA ASP C 136 19.29 0.23 17.83
C ASP C 136 18.00 1.03 17.81
N GLY C 137 17.23 0.89 18.88
CA GLY C 137 15.98 1.61 19.02
C GLY C 137 16.18 3.10 19.27
N ASN C 138 17.32 3.46 19.86
CA ASN C 138 17.59 4.86 20.18
C ASN C 138 18.14 5.67 19.00
N ASN C 139 18.52 4.99 17.93
CA ASN C 139 19.00 5.65 16.73
C ASN C 139 17.84 6.13 15.85
N GLU C 140 17.26 7.26 16.24
CA GLU C 140 16.06 7.77 15.60
C GLU C 140 16.26 8.06 14.12
N GLU C 141 17.38 8.68 13.77
CA GLU C 141 17.65 9.04 12.38
C GLU C 141 17.71 7.80 11.49
N ALA C 142 18.32 6.72 11.98
CA ALA C 142 18.41 5.47 11.23
C ALA C 142 17.03 4.83 11.09
N ALA C 143 16.26 4.86 12.17
CA ALA C 143 14.93 4.28 12.16
C ALA C 143 14.02 5.03 11.19
N LEU C 144 14.07 6.36 11.26
CA LEU C 144 13.19 7.19 10.46
C LEU C 144 13.49 7.03 8.97
N GLU C 145 14.78 6.95 8.62
CA GLU C 145 15.18 6.74 7.24
C GLU C 145 14.69 5.37 6.74
N ILE C 146 14.91 4.35 7.55
CA ILE C 146 14.43 3.01 7.22
C ILE C 146 12.91 3.02 7.08
N GLY C 147 12.25 3.74 7.98
CA GLY C 147 10.80 3.80 7.99
C GLY C 147 10.22 4.41 6.72
N HIS C 148 10.73 5.57 6.34
CA HIS C 148 10.18 6.30 5.20
C HIS C 148 10.50 5.60 3.88
N LYS C 149 11.67 4.97 3.79
CA LYS C 149 12.04 4.24 2.58
C LYS C 149 11.18 2.99 2.45
N LEU C 150 10.85 2.41 3.60
CA LEU C 150 10.00 1.24 3.64
C LEU C 150 8.60 1.57 3.13
N ARG C 151 8.13 2.75 3.50
CA ARG C 151 6.82 3.22 3.08
C ARG C 151 6.79 3.46 1.57
N ASP C 152 7.95 3.84 1.04
CA ASP C 152 8.09 4.07 -0.40
C ASP C 152 8.15 2.74 -1.15
N ALA C 153 9.12 1.91 -0.79
CA ALA C 153 9.33 0.64 -1.48
C ALA C 153 8.10 -0.25 -1.45
N LEU C 154 7.33 -0.16 -0.36
CA LEU C 154 6.12 -0.98 -0.20
C LEU C 154 4.86 -0.26 -0.68
N ARG C 155 4.96 1.05 -0.87
CA ARG C 155 3.85 1.85 -1.38
C ARG C 155 2.60 1.60 -0.57
N LEU C 156 2.71 1.80 0.74
CA LEU C 156 1.63 1.50 1.66
C LEU C 156 0.48 2.49 1.55
N GLY C 157 -0.74 1.94 1.57
CA GLY C 157 -1.93 2.77 1.58
C GLY C 157 -2.16 3.40 2.93
N ARG C 158 -3.08 4.36 2.99
CA ARG C 158 -3.40 5.04 4.24
C ARG C 158 -3.98 4.06 5.25
N ASN C 159 -4.73 3.07 4.76
CA ASN C 159 -5.35 2.08 5.62
C ASN C 159 -4.32 1.21 6.35
N ASN C 160 -3.24 0.86 5.65
CA ASN C 160 -2.14 0.13 6.26
C ASN C 160 -1.32 1.03 7.18
N SER C 161 -1.12 0.58 8.41
CA SER C 161 -0.46 1.38 9.44
C SER C 161 1.01 1.03 9.56
N LEU C 162 1.84 2.04 9.81
CA LEU C 162 3.27 1.83 10.01
C LEU C 162 3.72 2.51 11.31
N GLN C 163 4.20 1.72 12.26
CA GLN C 163 4.57 2.24 13.57
C GLN C 163 5.84 1.59 14.10
N TYR C 164 6.75 2.42 14.58
CA TYR C 164 7.99 1.92 15.16
C TYR C 164 7.79 1.72 16.65
N GLN C 165 8.46 0.70 17.19
CA GLN C 165 8.36 0.39 18.61
C GLN C 165 9.63 -0.31 19.11
N LEU C 166 9.93 -0.10 20.38
CA LEU C 166 11.06 -0.77 21.02
C LEU C 166 10.71 -2.22 21.31
N HIS C 167 11.70 -3.10 21.22
CA HIS C 167 11.52 -4.49 21.60
C HIS C 167 11.35 -4.61 23.09
N LYS C 168 12.20 -3.90 23.82
CA LYS C 168 12.25 -4.01 25.27
C LYS C 168 11.01 -3.39 25.90
N ASP C 169 10.62 -3.95 27.04
CA ASP C 169 9.55 -3.42 27.85
C ASP C 169 10.17 -2.46 28.86
N THR C 170 9.81 -1.18 28.79
CA THR C 170 10.46 -0.17 29.63
C THR C 170 9.53 0.98 30.02
N MET C 171 9.82 1.59 31.17
CA MET C 171 9.01 2.69 31.69
C MET C 171 9.71 4.04 31.51
N MET D 4 26.65 1.53 -3.09
CA MET D 4 26.45 1.06 -4.49
C MET D 4 26.92 -0.39 -4.65
N LEU D 5 28.01 -0.75 -3.98
CA LEU D 5 28.55 -2.10 -4.07
C LEU D 5 27.70 -3.08 -3.25
N GLU D 6 27.41 -4.24 -3.86
CA GLU D 6 26.57 -5.27 -3.24
C GLU D 6 25.17 -4.73 -2.90
N ARG D 7 24.70 -3.80 -3.72
CA ARG D 7 23.35 -3.27 -3.62
C ARG D 7 22.58 -3.58 -4.90
N TYR D 8 21.42 -4.21 -4.76
CA TYR D 8 20.57 -4.56 -5.89
C TYR D 8 19.17 -4.00 -5.73
N SER D 9 18.65 -3.35 -6.77
CA SER D 9 17.29 -2.84 -6.75
C SER D 9 16.31 -3.99 -6.94
N LYS D 10 15.02 -3.69 -6.79
CA LYS D 10 13.98 -4.68 -7.01
C LYS D 10 14.02 -5.20 -8.45
N VAL D 11 14.19 -4.29 -9.42
CA VAL D 11 14.27 -4.66 -10.82
C VAL D 11 15.48 -5.54 -11.10
N ASP D 12 16.62 -5.19 -10.51
CA ASP D 12 17.84 -5.98 -10.67
C ASP D 12 17.64 -7.39 -10.16
N LEU D 13 17.15 -7.51 -8.93
CA LEU D 13 16.98 -8.81 -8.30
C LEU D 13 15.97 -9.66 -9.07
N LEU D 14 14.90 -9.04 -9.54
CA LEU D 14 13.87 -9.75 -10.29
C LEU D 14 14.41 -10.32 -11.60
N ALA D 15 15.30 -9.56 -12.24
CA ALA D 15 15.90 -9.98 -13.50
C ALA D 15 16.64 -11.30 -13.32
N LEU D 16 17.32 -11.44 -12.19
CA LEU D 16 18.13 -12.63 -11.93
C LEU D 16 17.27 -13.82 -11.54
N ARG D 17 15.97 -13.59 -11.36
CA ARG D 17 15.05 -14.66 -11.01
C ARG D 17 14.97 -15.67 -12.15
N TYR D 18 15.12 -15.19 -13.39
CA TYR D 18 15.03 -16.04 -14.57
C TYR D 18 16.40 -16.59 -14.97
N SER D 19 17.38 -16.45 -14.10
CA SER D 19 18.70 -17.02 -14.33
C SER D 19 18.66 -18.53 -14.09
N PRO D 20 19.41 -19.30 -14.89
CA PRO D 20 19.42 -20.77 -14.71
C PRO D 20 19.87 -21.20 -13.32
N LEU D 21 20.72 -20.39 -12.71
CA LEU D 21 21.23 -20.69 -11.36
C LEU D 21 20.14 -20.47 -10.32
N SER D 22 19.21 -19.57 -10.63
CA SER D 22 18.05 -19.34 -9.78
C SER D 22 17.01 -20.43 -9.95
N GLN D 23 17.17 -21.25 -10.98
CA GLN D 23 16.22 -22.31 -11.30
C GLN D 23 16.57 -23.60 -10.56
N THR D 24 17.85 -23.73 -10.17
CA THR D 24 18.31 -24.92 -9.45
C THR D 24 17.44 -25.21 -8.23
N PRO D 25 16.94 -26.45 -8.12
CA PRO D 25 16.14 -26.78 -6.94
C PRO D 25 17.01 -26.92 -5.69
N PRO D 26 16.41 -26.76 -4.48
CA PRO D 26 17.16 -26.97 -3.24
C PRO D 26 17.75 -28.36 -3.15
N GLY D 27 18.83 -28.51 -2.38
CA GLY D 27 19.44 -29.80 -2.16
C GLY D 27 18.46 -30.68 -1.41
N ILE D 28 18.73 -31.97 -1.36
CA ILE D 28 17.79 -32.90 -0.76
C ILE D 28 17.68 -32.67 0.75
N GLU D 29 18.78 -32.32 1.41
CA GLU D 29 18.74 -32.06 2.85
C GLU D 29 17.80 -30.91 3.14
N LEU D 30 17.98 -29.83 2.41
CA LEU D 30 17.14 -28.65 2.57
C LEU D 30 15.71 -29.01 2.25
N GLU D 31 15.49 -29.70 1.13
CA GLU D 31 14.16 -30.14 0.75
C GLU D 31 13.53 -30.99 1.85
N GLY D 32 14.34 -31.86 2.46
CA GLY D 32 13.88 -32.68 3.56
C GLY D 32 13.40 -31.83 4.71
N ARG D 33 14.17 -30.78 5.01
CA ARG D 33 13.83 -29.87 6.08
C ARG D 33 12.57 -29.08 5.76
N LEU D 34 12.38 -28.73 4.49
CA LEU D 34 11.23 -27.94 4.07
C LEU D 34 9.95 -28.78 4.12
N ARG D 35 10.06 -30.05 3.75
CA ARG D 35 8.90 -30.94 3.78
C ARG D 35 8.53 -31.29 5.22
N ARG D 36 9.55 -31.47 6.05
CA ARG D 36 9.36 -31.76 7.46
C ARG D 36 8.59 -30.64 8.19
N MET D 37 8.89 -29.40 7.80
CA MET D 37 8.21 -28.22 8.33
C MET D 37 6.89 -27.95 7.59
N ASN D 38 6.65 -28.70 6.51
CA ASN D 38 5.45 -28.56 5.71
C ASN D 38 5.40 -27.23 4.97
N ILE D 39 6.55 -26.60 4.79
CA ILE D 39 6.64 -25.32 4.09
C ILE D 39 7.12 -25.51 2.65
N TRP D 40 7.42 -26.75 2.28
CA TRP D 40 7.77 -27.09 0.90
C TRP D 40 6.60 -26.79 -0.03
N ARG D 41 6.87 -26.03 -1.09
CA ARG D 41 5.82 -25.63 -2.02
C ARG D 41 5.22 -26.86 -2.71
N THR D 42 3.90 -26.89 -2.79
CA THR D 42 3.19 -28.04 -3.35
C THR D 42 3.49 -28.22 -4.83
N GLY D 43 3.61 -29.47 -5.25
CA GLY D 43 3.82 -29.80 -6.65
C GLY D 43 5.19 -29.38 -7.17
N SER D 44 6.15 -29.23 -6.27
CA SER D 44 7.51 -28.90 -6.65
C SER D 44 8.42 -30.11 -6.46
N LYS E 5 34.06 21.50 -10.58
CA LYS E 5 32.61 21.44 -10.52
C LYS E 5 32.11 20.00 -10.61
N HIS E 6 30.91 19.75 -10.07
CA HIS E 6 30.27 18.45 -10.18
C HIS E 6 29.16 18.51 -11.22
N PRO E 7 29.28 17.74 -12.32
CA PRO E 7 28.32 17.86 -13.43
C PRO E 7 26.95 17.26 -13.14
N LEU E 8 25.91 17.84 -13.73
CA LEU E 8 24.55 17.32 -13.62
C LEU E 8 24.20 16.42 -14.79
N MET E 9 23.32 15.46 -14.55
CA MET E 9 22.91 14.52 -15.59
C MET E 9 22.11 15.23 -16.68
N ASN E 10 21.50 16.35 -16.34
CA ASN E 10 20.73 17.13 -17.29
C ASN E 10 20.94 18.63 -17.11
N VAL E 11 20.66 19.38 -18.17
CA VAL E 11 20.64 20.83 -18.11
C VAL E 11 19.28 21.29 -17.60
N TRP E 12 19.30 22.18 -16.62
CA TRP E 12 18.08 22.69 -16.01
C TRP E 12 17.98 24.20 -16.25
N THR E 13 16.75 24.70 -16.37
CA THR E 13 16.51 26.10 -16.64
C THR E 13 15.47 26.65 -15.68
N LEU E 14 15.84 27.72 -14.97
CA LEU E 14 14.95 28.38 -14.04
C LEU E 14 14.02 29.33 -14.76
N TRP E 15 12.74 29.30 -14.41
CA TRP E 15 11.75 30.23 -14.93
C TRP E 15 11.11 30.97 -13.77
N TYR E 16 10.78 32.24 -13.99
CA TYR E 16 10.02 33.02 -13.01
C TYR E 16 8.80 33.65 -13.67
N LEU E 17 7.64 33.45 -13.06
CA LEU E 17 6.40 34.07 -13.52
C LEU E 17 5.89 35.05 -12.49
N GLU E 18 5.51 36.25 -12.96
CA GLU E 18 4.88 37.25 -12.11
C GLU E 18 3.53 37.57 -12.72
N ASN E 19 2.50 37.66 -11.88
CA ASN E 19 1.15 37.87 -12.37
C ASN E 19 0.95 39.30 -12.87
N ASP E 20 0.56 39.42 -14.13
CA ASP E 20 0.31 40.72 -14.77
C ASP E 20 -1.00 40.65 -15.54
N ARG E 21 -1.99 41.42 -15.10
CA ARG E 21 -3.32 41.41 -15.71
C ARG E 21 -3.27 41.61 -17.23
N SER E 22 -2.27 42.37 -17.68
CA SER E 22 -2.15 42.72 -19.09
C SER E 22 -1.85 41.52 -19.98
N LYS E 23 -0.75 40.83 -19.70
CA LYS E 23 -0.26 39.77 -20.58
C LYS E 23 -0.93 38.42 -20.32
N SER E 24 -0.81 37.53 -21.30
CA SER E 24 -1.36 36.19 -21.20
C SER E 24 -0.51 35.31 -20.29
N TRP E 25 -1.09 34.23 -19.78
CA TRP E 25 -0.44 33.35 -18.83
C TRP E 25 0.92 32.87 -19.33
N GLU E 26 1.04 32.64 -20.63
CA GLU E 26 2.29 32.18 -21.22
C GLU E 26 3.32 33.31 -21.22
N ASP E 27 2.85 34.53 -21.46
CA ASP E 27 3.74 35.70 -21.54
C ASP E 27 4.19 36.16 -20.16
N MET E 28 3.44 35.79 -19.13
CA MET E 28 3.83 36.07 -17.75
C MET E 28 5.13 35.34 -17.40
N GLN E 29 5.43 34.30 -18.18
CA GLN E 29 6.58 33.44 -17.92
C GLN E 29 7.87 34.10 -18.43
N ASN E 30 8.91 34.08 -17.60
CA ASN E 30 10.23 34.61 -17.97
C ASN E 30 11.31 33.56 -17.79
N GLU E 31 12.15 33.41 -18.80
CA GLU E 31 13.31 32.51 -18.71
C GLU E 31 14.46 33.25 -18.03
N ILE E 32 15.07 32.62 -17.03
CA ILE E 32 16.10 33.27 -16.24
C ILE E 32 17.50 32.85 -16.68
N THR E 33 17.81 31.57 -16.49
CA THR E 33 19.13 31.05 -16.86
C THR E 33 19.16 29.54 -16.81
N SER E 34 20.28 28.98 -17.27
CA SER E 34 20.49 27.53 -17.26
C SER E 34 21.77 27.17 -16.52
N PHE E 35 21.82 25.95 -16.01
CA PHE E 35 23.00 25.43 -15.31
C PHE E 35 23.06 23.91 -15.46
N ASP E 36 24.27 23.36 -15.41
CA ASP E 36 24.47 21.92 -15.54
C ASP E 36 25.53 21.40 -14.56
N THR E 37 25.72 22.10 -13.45
CA THR E 37 26.57 21.61 -12.37
C THR E 37 25.96 21.93 -11.01
N VAL E 38 26.38 21.18 -10.00
CA VAL E 38 25.91 21.39 -8.64
C VAL E 38 26.28 22.77 -8.12
N GLU E 39 27.48 23.23 -8.50
CA GLU E 39 28.01 24.48 -8.02
C GLU E 39 27.27 25.68 -8.61
N ASP E 40 26.94 25.58 -9.89
CA ASP E 40 26.21 26.66 -10.56
C ASP E 40 24.78 26.74 -10.05
N PHE E 41 24.25 25.62 -9.57
CA PHE E 41 22.91 25.59 -8.98
C PHE E 41 22.86 26.38 -7.69
N TRP E 42 23.79 26.07 -6.79
CA TRP E 42 23.88 26.74 -5.49
C TRP E 42 24.18 28.21 -5.66
N SER E 43 25.05 28.53 -6.62
CA SER E 43 25.33 29.90 -6.98
C SER E 43 24.03 30.64 -7.28
N LEU E 44 23.22 30.03 -8.15
CA LEU E 44 21.95 30.63 -8.54
C LEU E 44 20.98 30.66 -7.37
N TYR E 45 20.82 29.52 -6.71
CA TYR E 45 19.87 29.39 -5.61
C TYR E 45 20.19 30.33 -4.44
N ASN E 46 21.48 30.44 -4.10
CA ASN E 46 21.90 31.28 -2.98
C ASN E 46 21.64 32.77 -3.22
N HIS E 47 21.53 33.16 -4.49
CA HIS E 47 21.41 34.58 -4.85
C HIS E 47 20.02 35.00 -5.34
N ILE E 48 19.05 34.08 -5.29
CA ILE E 48 17.66 34.41 -5.63
C ILE E 48 16.75 34.31 -4.42
N LYS E 49 15.68 35.09 -4.44
CA LYS E 49 14.73 35.14 -3.34
C LYS E 49 14.05 33.79 -3.14
N PRO E 50 13.96 33.33 -1.88
CA PRO E 50 13.25 32.06 -1.66
C PRO E 50 11.76 32.23 -1.94
N PRO E 51 11.04 31.13 -2.20
CA PRO E 51 9.60 31.20 -2.45
C PRO E 51 8.85 31.99 -1.39
N SER E 52 9.35 31.94 -0.16
CA SER E 52 8.70 32.60 0.97
C SER E 52 8.69 34.13 0.86
N GLU E 53 9.49 34.66 -0.05
CA GLU E 53 9.67 36.11 -0.17
C GLU E 53 9.18 36.69 -1.50
N ILE E 54 8.88 35.84 -2.48
CA ILE E 54 8.44 36.34 -3.78
C ILE E 54 6.96 36.76 -3.75
N LYS E 55 6.61 37.63 -4.69
CA LYS E 55 5.29 38.25 -4.74
C LYS E 55 4.19 37.20 -4.93
N LEU E 56 3.01 37.47 -4.37
CA LEU E 56 1.87 36.58 -4.52
C LEU E 56 1.42 36.51 -5.96
N GLY E 57 0.97 35.33 -6.40
CA GLY E 57 0.57 35.12 -7.78
C GLY E 57 1.76 34.85 -8.68
N SER E 58 2.95 34.74 -8.08
CA SER E 58 4.17 34.47 -8.84
C SER E 58 4.56 33.01 -8.74
N ASP E 59 5.28 32.51 -9.74
CA ASP E 59 5.76 31.12 -9.76
C ASP E 59 7.27 31.06 -9.98
N TYR E 60 7.89 30.03 -9.40
CA TYR E 60 9.21 29.57 -9.78
C TYR E 60 9.04 28.23 -10.50
N SER E 61 9.86 27.99 -11.52
CA SER E 61 9.83 26.71 -12.23
C SER E 61 11.23 26.32 -12.63
N LEU E 62 11.54 25.04 -12.50
CA LEU E 62 12.79 24.46 -12.98
C LEU E 62 12.50 23.25 -13.85
N PHE E 63 12.99 23.27 -15.09
CA PHE E 63 12.68 22.22 -16.07
C PHE E 63 13.91 21.67 -16.78
N LYS E 64 13.84 20.38 -17.12
CA LYS E 64 14.87 19.71 -17.89
C LYS E 64 15.00 20.34 -19.26
N LYS E 65 16.16 20.13 -19.89
CA LYS E 65 16.36 20.42 -21.31
C LYS E 65 15.79 21.78 -21.70
N ASN E 66 15.15 21.84 -22.87
CA ASN E 66 14.56 23.07 -23.38
C ASN E 66 13.08 23.17 -23.03
N ILE E 67 12.59 22.22 -22.24
CA ILE E 67 11.17 22.13 -21.92
C ILE E 67 10.69 23.38 -21.18
N ARG E 68 9.59 23.97 -21.65
CA ARG E 68 9.02 25.15 -21.02
C ARG E 68 7.95 24.77 -19.99
N PRO E 69 7.81 25.57 -18.91
CA PRO E 69 6.74 25.32 -17.93
C PRO E 69 5.39 25.69 -18.50
N MET E 70 4.96 24.98 -19.53
CA MET E 70 3.74 25.30 -20.24
C MET E 70 3.00 24.05 -20.70
N TRP E 71 1.67 24.15 -20.71
CA TRP E 71 0.80 23.08 -21.14
C TRP E 71 1.04 22.73 -22.62
N GLU E 72 1.13 23.74 -23.47
CA GLU E 72 1.17 23.55 -24.92
C GLU E 72 2.43 22.80 -25.39
N ASP E 73 3.51 22.92 -24.61
CA ASP E 73 4.78 22.29 -24.95
C ASP E 73 4.62 20.80 -25.16
N ALA E 74 5.27 20.28 -26.20
CA ALA E 74 5.11 18.88 -26.60
C ALA E 74 5.55 17.91 -25.51
N ALA E 75 6.54 18.33 -24.72
CA ALA E 75 7.07 17.48 -23.66
C ALA E 75 6.09 17.31 -22.53
N ASN E 76 5.19 18.27 -22.37
CA ASN E 76 4.19 18.26 -21.31
C ASN E 76 2.80 17.90 -21.80
N LYS E 77 2.64 17.83 -23.12
CA LYS E 77 1.33 17.67 -23.73
C LYS E 77 0.61 16.40 -23.27
N GLN E 78 1.34 15.28 -23.26
CA GLN E 78 0.79 14.00 -22.82
C GLN E 78 1.10 13.76 -21.34
N GLY E 79 1.54 14.81 -20.66
CA GLY E 79 2.04 14.68 -19.30
C GLY E 79 1.04 15.05 -18.21
N GLY E 80 1.51 14.98 -16.98
CA GLY E 80 0.70 15.33 -15.83
C GLY E 80 1.59 15.82 -14.71
N ARG E 81 1.03 15.95 -13.51
CA ARG E 81 1.81 16.43 -12.37
C ARG E 81 1.35 15.84 -11.06
N TRP E 82 2.32 15.56 -10.19
CA TRP E 82 2.07 15.30 -8.79
C TRP E 82 1.98 16.64 -8.09
N VAL E 83 0.78 17.04 -7.67
CA VAL E 83 0.60 18.32 -7.00
C VAL E 83 0.53 18.15 -5.48
N ILE E 84 1.32 18.95 -4.77
CA ILE E 84 1.30 19.02 -3.32
C ILE E 84 0.62 20.31 -2.89
N THR E 85 -0.56 20.20 -2.29
CA THR E 85 -1.29 21.35 -1.81
C THR E 85 -1.01 21.60 -0.32
N LEU E 86 -0.71 22.85 0.00
CA LEU E 86 -0.34 23.23 1.36
C LEU E 86 -1.38 24.18 1.98
N ASN E 87 -2.01 23.72 3.05
CA ASN E 87 -3.00 24.51 3.78
C ASN E 87 -2.43 25.03 5.09
N LYS E 88 -2.59 26.32 5.34
CA LYS E 88 -2.00 26.97 6.50
C LYS E 88 -0.48 26.83 6.42
N SER E 89 0.04 26.95 5.19
CA SER E 89 1.44 26.75 4.91
C SER E 89 2.36 27.70 5.69
N SER E 90 3.44 27.15 6.24
CA SER E 90 4.49 27.95 6.85
C SER E 90 5.44 28.45 5.76
N LYS E 91 6.02 29.63 5.96
CA LYS E 91 6.95 30.18 4.99
C LYS E 91 8.24 29.38 4.93
N THR E 92 8.64 28.80 6.06
CA THR E 92 9.89 28.04 6.11
C THR E 92 9.72 26.63 5.57
N ASP E 93 8.59 26.01 5.90
CA ASP E 93 8.26 24.70 5.35
C ASP E 93 8.19 24.82 3.83
N LEU E 94 7.64 25.93 3.36
CA LEU E 94 7.57 26.21 1.94
C LEU E 94 8.95 26.17 1.30
N ASP E 95 9.89 26.91 1.87
CA ASP E 95 11.24 27.00 1.32
C ASP E 95 11.95 25.66 1.34
N ASN E 96 11.87 24.96 2.46
CA ASN E 96 12.56 23.67 2.60
C ASN E 96 11.99 22.60 1.68
N LEU E 97 10.67 22.57 1.56
CA LEU E 97 10.00 21.60 0.70
C LEU E 97 10.40 21.85 -0.75
N TRP E 98 10.48 23.12 -1.13
CA TRP E 98 10.84 23.50 -2.49
C TRP E 98 12.30 23.17 -2.79
N LEU E 99 13.19 23.48 -1.86
CA LEU E 99 14.60 23.16 -2.06
C LEU E 99 14.80 21.65 -2.17
N ASP E 100 14.16 20.90 -1.29
CA ASP E 100 14.27 19.45 -1.33
C ASP E 100 13.80 18.90 -2.67
N VAL E 101 12.72 19.46 -3.21
CA VAL E 101 12.22 19.03 -4.52
C VAL E 101 13.25 19.28 -5.61
N LEU E 102 13.91 20.42 -5.55
CA LEU E 102 14.94 20.77 -6.52
C LEU E 102 16.10 19.78 -6.46
N LEU E 103 16.51 19.44 -5.24
CA LEU E 103 17.63 18.52 -5.04
C LEU E 103 17.30 17.12 -5.56
N CYS E 104 16.04 16.72 -5.43
CA CYS E 104 15.56 15.48 -6.02
C CYS E 104 15.70 15.50 -7.54
N LEU E 105 15.35 16.63 -8.15
CA LEU E 105 15.37 16.76 -9.59
C LEU E 105 16.78 16.75 -10.15
N ILE E 106 17.63 17.67 -9.70
CA ILE E 106 18.99 17.76 -10.24
C ILE E 106 19.83 16.58 -9.75
N GLY E 107 19.47 16.04 -8.60
CA GLY E 107 20.17 14.89 -8.04
C GLY E 107 19.82 13.60 -8.74
N GLU E 108 18.74 13.63 -9.53
CA GLU E 108 18.27 12.46 -10.28
C GLU E 108 17.94 11.29 -9.36
N ALA E 109 17.19 11.58 -8.30
CA ALA E 109 16.85 10.57 -7.31
C ALA E 109 15.90 9.51 -7.86
N PHE E 110 15.14 9.88 -8.88
CA PHE E 110 14.10 9.02 -9.42
C PHE E 110 14.63 7.98 -10.42
N ASP E 111 14.08 6.78 -10.35
CA ASP E 111 14.45 5.72 -11.28
C ASP E 111 13.99 6.06 -12.70
N HIS E 112 12.83 6.69 -12.81
CA HIS E 112 12.30 7.14 -14.10
C HIS E 112 12.66 8.61 -14.37
N SER E 113 13.95 8.91 -14.44
CA SER E 113 14.43 10.25 -14.71
C SER E 113 13.96 10.75 -16.08
N ASP E 114 13.78 9.80 -16.99
CA ASP E 114 13.29 10.09 -18.33
C ASP E 114 11.91 10.74 -18.32
N GLN E 115 11.14 10.45 -17.27
CA GLN E 115 9.74 10.88 -17.20
C GLN E 115 9.57 12.22 -16.53
N ILE E 116 10.55 12.65 -15.75
CA ILE E 116 10.50 13.95 -15.11
C ILE E 116 10.71 15.05 -16.15
N CYS E 117 9.86 16.07 -16.12
CA CYS E 117 10.01 17.22 -17.00
C CYS E 117 10.54 18.42 -16.23
N GLY E 118 10.04 18.59 -15.01
CA GLY E 118 10.41 19.70 -14.17
C GLY E 118 9.50 19.85 -12.96
N ALA E 119 9.67 20.95 -12.24
CA ALA E 119 8.90 21.23 -11.04
C ALA E 119 8.48 22.69 -11.01
N VAL E 120 7.44 22.98 -10.24
CA VAL E 120 6.88 24.32 -10.16
C VAL E 120 6.34 24.58 -8.76
N ILE E 121 6.50 25.81 -8.28
CA ILE E 121 5.91 26.20 -7.01
C ILE E 121 5.06 27.45 -7.21
N ASN E 122 3.82 27.39 -6.70
CA ASN E 122 2.87 28.48 -6.83
C ASN E 122 2.65 29.19 -5.50
N ILE E 123 2.90 30.50 -5.50
CA ILE E 123 2.70 31.32 -4.31
C ILE E 123 1.36 32.05 -4.45
N ARG E 124 0.41 31.69 -3.60
CA ARG E 124 -0.89 32.36 -3.56
C ARG E 124 -1.28 32.62 -2.10
N GLY E 125 -2.17 33.58 -1.89
CA GLY E 125 -2.57 33.95 -0.55
C GLY E 125 -3.32 32.82 0.15
N LYS E 126 -4.35 32.31 -0.52
CA LYS E 126 -5.21 31.29 0.08
C LYS E 126 -4.44 30.00 0.38
N SER E 127 -3.64 29.55 -0.58
CA SER E 127 -2.91 28.30 -0.44
C SER E 127 -1.74 28.21 -1.42
N ASN E 128 -0.68 27.51 -1.02
CA ASN E 128 0.50 27.33 -1.86
C ASN E 128 0.56 25.92 -2.41
N LYS E 129 1.11 25.78 -3.62
CA LYS E 129 1.20 24.48 -4.26
C LYS E 129 2.59 24.24 -4.83
N ILE E 130 3.03 23.00 -4.74
CA ILE E 130 4.27 22.55 -5.36
C ILE E 130 3.96 21.35 -6.24
N SER E 131 4.42 21.39 -7.50
CA SER E 131 4.13 20.32 -8.45
C SER E 131 5.38 19.82 -9.13
N ILE E 132 5.39 18.53 -9.45
CA ILE E 132 6.44 17.92 -10.27
C ILE E 132 5.80 17.46 -11.58
N TRP E 133 6.28 18.00 -12.71
CA TRP E 133 5.68 17.70 -14.00
C TRP E 133 6.28 16.46 -14.66
N THR E 134 5.41 15.53 -15.04
CA THR E 134 5.82 14.26 -15.65
C THR E 134 5.51 14.29 -17.15
N ALA E 135 6.21 13.46 -17.93
CA ALA E 135 6.09 13.48 -19.38
C ALA E 135 4.89 12.71 -19.90
N ASP E 136 4.59 11.56 -19.28
CA ASP E 136 3.49 10.71 -19.72
C ASP E 136 2.57 10.32 -18.57
N GLY E 137 1.30 10.70 -18.70
CA GLY E 137 0.30 10.35 -17.70
C GLY E 137 -0.03 8.87 -17.76
N ASN E 138 0.01 8.29 -18.96
CA ASN E 138 -0.27 6.87 -19.14
C ASN E 138 0.84 5.98 -18.60
N ASN E 139 1.95 6.58 -18.20
CA ASN E 139 3.03 5.81 -17.61
C ASN E 139 2.80 5.65 -16.11
N GLU E 140 1.95 4.70 -15.77
CA GLU E 140 1.50 4.50 -14.40
C GLU E 140 2.63 4.19 -13.44
N GLU E 141 3.45 3.20 -13.79
CA GLU E 141 4.55 2.78 -12.92
C GLU E 141 5.52 3.91 -12.64
N ALA E 142 5.83 4.70 -13.67
CA ALA E 142 6.75 5.81 -13.53
C ALA E 142 6.15 6.90 -12.65
N ALA E 143 4.89 7.22 -12.90
CA ALA E 143 4.21 8.25 -12.11
C ALA E 143 4.12 7.84 -10.64
N LEU E 144 3.82 6.57 -10.41
CA LEU E 144 3.67 6.06 -9.05
C LEU E 144 5.03 5.95 -8.35
N GLU E 145 6.05 5.54 -9.10
CA GLU E 145 7.41 5.44 -8.56
C GLU E 145 7.93 6.81 -8.15
N ILE E 146 7.69 7.81 -9.00
CA ILE E 146 8.07 9.19 -8.72
C ILE E 146 7.30 9.71 -7.51
N GLY E 147 6.00 9.47 -7.49
CA GLY E 147 5.13 9.93 -6.42
C GLY E 147 5.56 9.44 -5.06
N HIS E 148 5.81 8.13 -4.96
CA HIS E 148 6.16 7.52 -3.69
C HIS E 148 7.57 7.95 -3.26
N LYS E 149 8.46 8.14 -4.22
CA LYS E 149 9.81 8.58 -3.89
C LYS E 149 9.75 10.00 -3.35
N LEU E 150 8.85 10.80 -3.94
CA LEU E 150 8.63 12.17 -3.52
C LEU E 150 8.02 12.19 -2.12
N ARG E 151 7.19 11.18 -1.84
CA ARG E 151 6.59 11.01 -0.52
C ARG E 151 7.69 10.76 0.51
N ASP E 152 8.70 10.00 0.10
CA ASP E 152 9.79 9.58 0.97
C ASP E 152 10.84 10.68 1.13
N ALA E 153 11.30 11.23 0.02
CA ALA E 153 12.34 12.25 0.03
C ALA E 153 11.91 13.50 0.80
N LEU E 154 10.68 13.92 0.61
CA LEU E 154 10.15 15.09 1.30
C LEU E 154 9.63 14.73 2.70
N ARG E 155 9.38 13.44 2.93
CA ARG E 155 8.83 12.97 4.19
C ARG E 155 7.56 13.72 4.52
N LEU E 156 6.61 13.70 3.60
CA LEU E 156 5.38 14.48 3.73
C LEU E 156 4.51 13.97 4.88
N GLY E 157 3.90 14.91 5.60
CA GLY E 157 3.00 14.59 6.68
C GLY E 157 1.64 14.17 6.13
N ARG E 158 0.86 13.51 6.97
CA ARG E 158 -0.48 13.07 6.58
C ARG E 158 -1.38 14.28 6.30
N ASN E 159 -1.07 15.40 6.94
CA ASN E 159 -1.80 16.66 6.74
C ASN E 159 -1.77 17.10 5.28
N ASN E 160 -0.63 16.90 4.62
CA ASN E 160 -0.50 17.22 3.22
C ASN E 160 -1.04 16.10 2.33
N SER E 161 -1.53 16.49 1.15
CA SER E 161 -2.08 15.54 0.21
C SER E 161 -1.28 15.57 -1.08
N LEU E 162 -0.96 14.37 -1.58
CA LEU E 162 -0.17 14.21 -2.80
C LEU E 162 -0.99 13.43 -3.83
N GLN E 163 -1.30 14.08 -4.95
CA GLN E 163 -2.19 13.51 -5.94
C GLN E 163 -1.79 13.85 -7.37
N TYR E 164 -1.89 12.87 -8.25
CA TYR E 164 -1.46 13.00 -9.64
C TYR E 164 -2.63 13.30 -10.57
N GLN E 165 -2.45 14.27 -11.47
CA GLN E 165 -3.50 14.63 -12.42
C GLN E 165 -2.92 15.00 -13.77
N LEU E 166 -3.71 14.75 -14.82
CA LEU E 166 -3.32 15.06 -16.18
C LEU E 166 -3.25 16.56 -16.39
N HIS E 167 -2.38 16.98 -17.30
CA HIS E 167 -2.35 18.37 -17.71
C HIS E 167 -3.59 18.64 -18.56
N LYS E 168 -3.90 17.72 -19.47
CA LYS E 168 -5.02 17.90 -20.37
C LYS E 168 -6.34 17.82 -19.60
N ASP E 169 -7.35 18.53 -20.08
CA ASP E 169 -8.67 18.50 -19.46
C ASP E 169 -9.50 17.34 -20.03
N THR E 170 -9.53 16.24 -19.29
CA THR E 170 -10.24 15.04 -19.70
C THR E 170 -10.66 14.22 -18.47
N MET E 171 -11.72 13.43 -18.62
CA MET E 171 -12.27 12.66 -17.51
C MET E 171 -11.49 11.37 -17.27
N ILE E 181 -5.62 8.83 -12.53
CA ILE E 181 -5.56 9.76 -11.41
C ILE E 181 -5.30 9.00 -10.11
N TYR E 182 -4.37 9.52 -9.30
CA TYR E 182 -3.91 8.83 -8.09
C TYR E 182 -3.88 9.78 -6.89
N THR E 183 -3.87 9.18 -5.69
CA THR E 183 -3.87 9.95 -4.46
C THR E 183 -3.03 9.23 -3.41
N LEU E 184 -2.10 9.97 -2.82
CA LEU E 184 -1.19 9.43 -1.81
C LEU E 184 -1.17 10.28 -0.54
N GLU F 6 25.55 9.20 -13.79
CA GLU F 6 25.55 9.01 -12.31
C GLU F 6 24.57 9.97 -11.65
N ARG F 7 24.30 9.74 -10.37
CA ARG F 7 23.33 10.51 -9.60
C ARG F 7 23.97 11.05 -8.32
N TYR F 8 23.30 11.99 -7.67
CA TYR F 8 23.77 12.57 -6.41
C TYR F 8 22.73 12.44 -5.31
N SER F 9 23.19 12.14 -4.10
CA SER F 9 22.31 12.05 -2.94
C SER F 9 22.12 13.43 -2.32
N LYS F 10 21.17 13.53 -1.40
CA LYS F 10 20.87 14.79 -0.74
C LYS F 10 22.04 15.29 0.09
N VAL F 11 22.77 14.36 0.70
CA VAL F 11 23.91 14.71 1.53
C VAL F 11 25.05 15.31 0.71
N ASP F 12 25.24 14.79 -0.50
CA ASP F 12 26.30 15.28 -1.38
C ASP F 12 26.02 16.71 -1.79
N LEU F 13 24.78 16.97 -2.19
CA LEU F 13 24.36 18.29 -2.65
C LEU F 13 24.48 19.34 -1.55
N LEU F 14 24.00 19.00 -0.35
CA LEU F 14 24.07 19.91 0.79
C LEU F 14 25.51 20.19 1.17
N ALA F 15 26.36 19.19 1.01
CA ALA F 15 27.78 19.33 1.35
C ALA F 15 28.45 20.31 0.40
N LEU F 16 28.05 20.30 -0.86
CA LEU F 16 28.69 21.13 -1.88
C LEU F 16 28.16 22.56 -1.88
N ARG F 17 27.19 22.85 -1.03
CA ARG F 17 26.58 24.18 -0.99
C ARG F 17 27.59 25.25 -0.59
N TYR F 18 28.47 24.92 0.36
CA TYR F 18 29.45 25.87 0.88
C TYR F 18 30.83 25.65 0.26
N SER F 19 30.86 25.00 -0.90
CA SER F 19 32.09 24.88 -1.68
C SER F 19 32.45 26.23 -2.26
N PRO F 20 33.76 26.53 -2.43
CA PRO F 20 34.16 27.84 -2.95
C PRO F 20 33.58 28.13 -4.32
N LEU F 21 33.45 27.09 -5.14
CA LEU F 21 32.89 27.23 -6.47
C LEU F 21 31.39 27.51 -6.40
N SER F 22 30.72 26.95 -5.40
CA SER F 22 29.28 27.11 -5.23
C SER F 22 28.92 28.51 -4.73
N GLN F 23 29.89 29.21 -4.15
CA GLN F 23 29.63 30.52 -3.57
C GLN F 23 30.00 31.64 -4.54
N THR F 24 30.58 31.29 -5.68
CA THR F 24 30.85 32.26 -6.73
C THR F 24 29.52 32.88 -7.17
N PRO F 25 29.48 34.22 -7.29
CA PRO F 25 28.19 34.85 -7.61
C PRO F 25 27.75 34.63 -9.06
N PRO F 26 26.46 34.86 -9.37
CA PRO F 26 25.95 34.80 -10.75
C PRO F 26 26.63 35.82 -11.67
N GLY F 27 26.62 35.54 -12.96
CA GLY F 27 27.13 36.46 -13.95
C GLY F 27 26.46 37.82 -13.81
N ILE F 28 27.09 38.84 -14.36
CA ILE F 28 26.59 40.19 -14.18
C ILE F 28 25.31 40.37 -15.03
N GLU F 29 25.25 39.74 -16.19
CA GLU F 29 24.01 39.78 -16.98
C GLU F 29 22.88 39.12 -16.20
N LEU F 30 23.14 37.91 -15.72
CA LEU F 30 22.15 37.16 -14.95
C LEU F 30 21.69 37.95 -13.72
N GLU F 31 22.63 38.61 -13.06
CA GLU F 31 22.30 39.45 -11.92
C GLU F 31 21.46 40.64 -12.35
N GLY F 32 21.71 41.14 -13.55
CA GLY F 32 20.91 42.23 -14.09
C GLY F 32 19.46 41.78 -14.22
N ARG F 33 19.29 40.55 -14.70
CA ARG F 33 17.97 40.00 -14.94
C ARG F 33 17.23 39.74 -13.63
N LEU F 34 17.93 39.17 -12.65
CA LEU F 34 17.32 38.85 -11.36
C LEU F 34 16.84 40.10 -10.64
N ARG F 35 17.65 41.15 -10.68
CA ARG F 35 17.29 42.43 -10.07
C ARG F 35 16.10 43.03 -10.80
N ARG F 36 16.08 42.88 -12.11
CA ARG F 36 15.01 43.45 -12.92
C ARG F 36 13.71 42.65 -12.74
N MET F 37 13.84 41.34 -12.55
CA MET F 37 12.69 40.49 -12.25
C MET F 37 12.31 40.60 -10.77
N ASN F 38 13.15 41.28 -10.00
CA ASN F 38 12.87 41.53 -8.58
C ASN F 38 12.93 40.25 -7.75
N ILE F 39 13.66 39.26 -8.25
CA ILE F 39 13.86 38.00 -7.52
C ILE F 39 15.30 37.90 -6.99
N TRP F 40 16.06 38.98 -7.12
CA TRP F 40 17.40 39.03 -6.56
C TRP F 40 17.29 39.12 -5.04
N ARG F 41 17.99 38.23 -4.35
CA ARG F 41 17.88 38.13 -2.90
C ARG F 41 18.32 39.41 -2.21
N THR F 42 17.54 39.85 -1.23
CA THR F 42 17.84 41.07 -0.50
C THR F 42 19.19 41.01 0.21
N GLY F 43 20.00 42.05 0.01
CA GLY F 43 21.31 42.13 0.63
C GLY F 43 22.32 41.15 0.04
N SER F 44 22.10 40.76 -1.22
CA SER F 44 22.97 39.81 -1.89
C SER F 44 23.83 40.52 -2.94
#